data_7EAG
#
_entry.id   7EAG
#
_cell.length_a   62.769
_cell.length_b   74.908
_cell.length_c   136.595
_cell.angle_alpha   90.000
_cell.angle_beta   90.000
_cell.angle_gamma   90.000
#
_symmetry.space_group_name_H-M   'I 2 2 2'
#
_entity_poly.entity_id   1
_entity_poly.type   'polyribonucleotide'
_entity_poly.pdbx_seq_one_letter_code
;GUCUAUGAAGGCUGGAGAC
;
_entity_poly.pdbx_strand_id   C,D,A,B,E,F
#
loop_
_chem_comp.id
_chem_comp.type
_chem_comp.name
_chem_comp.formula
A RNA linking ADENOSINE-5'-MONOPHOSPHATE 'C10 H14 N5 O7 P'
C RNA linking CYTIDINE-5'-MONOPHOSPHATE 'C9 H14 N3 O8 P'
G RNA linking GUANOSINE-5'-MONOPHOSPHATE 'C10 H14 N5 O8 P'
U RNA linking URIDINE-5'-MONOPHOSPHATE 'C9 H13 N2 O9 P'
#